data_8BYO
#
_entry.id   8BYO
#
_cell.length_a   81.839
_cell.length_b   112.354
_cell.length_c   62.477
_cell.angle_alpha   90.00
_cell.angle_beta   90.00
_cell.angle_gamma   90.00
#
_symmetry.space_group_name_H-M   'C 2 2 21'
#
loop_
_entity.id
_entity.type
_entity.pdbx_description
1 polymer '14-3-3 protein sigma'
2 polymer 'ERalpha peptide'
3 non-polymer 'MAGNESIUM ION'
4 non-polymer ~{N}-[3-(5-carbamimidoylthiophen-3-yl)phenyl]-2-(4-chloranyl-3-fluoranyl-phenoxy)-2-methyl-propanamide
5 water water
#
loop_
_entity_poly.entity_id
_entity_poly.type
_entity_poly.pdbx_seq_one_letter_code
_entity_poly.pdbx_strand_id
1 'polypeptide(L)'
;GAMGSMERASLIQKAKLAEQAERYEDMAAFMKGAVEKGEELSCEERNLLSVAYKNVVGGQRAAWRVLSSIEQKSNEEGSE
EKGPEVREYREKVETELQGVCDTVLGLLDSHLIKEAGDAESRVFYLKMKGDYYRYLAEVATGDDKKRIIDSARSAYQEAM
DISKKEMPPTNPIRLGLALNFSVFHYEIANSPEEAISLAKTTFDEAMADLHTLSEDSYKDSTLIMQLLRDNLTLWT
;
A
2 'polypeptide(L)' FPA(TPO)V B
#
loop_
_chem_comp.id
_chem_comp.type
_chem_comp.name
_chem_comp.formula
MG non-polymer 'MAGNESIUM ION' 'Mg 2'
U0L non-polymer ~{N}-[3-(5-carbamimidoylthiophen-3-yl)phenyl]-2-(4-chloranyl-3-fluoranyl-phenoxy)-2-methyl-propanamide 'C21 H19 Cl F N3 O2 S'
#
# COMPACT_ATOMS: atom_id res chain seq x y z
N GLY A 1 -22.03 5.55 -0.20
CA GLY A 1 -23.42 5.97 0.13
C GLY A 1 -24.33 4.79 0.45
N ALA A 2 -24.10 3.68 -0.25
CA ALA A 2 -24.96 2.50 -0.09
C ALA A 2 -24.87 1.89 1.31
N MET A 3 -23.81 2.20 2.06
CA MET A 3 -23.69 1.75 3.45
C MET A 3 -24.20 2.77 4.45
N GLY A 4 -24.79 3.87 3.97
CA GLY A 4 -25.21 4.92 4.87
C GLY A 4 -26.25 4.51 5.89
N SER A 5 -27.06 3.49 5.58
CA SER A 5 -28.10 3.07 6.49
C SER A 5 -27.64 1.98 7.45
N MET A 6 -26.42 1.47 7.33
CA MET A 6 -25.97 0.40 8.21
C MET A 6 -25.15 0.96 9.36
N GLU A 7 -25.40 0.44 10.56
CA GLU A 7 -24.65 0.86 11.74
C GLU A 7 -23.16 0.69 11.54
N ARG A 8 -22.37 1.62 12.11
CA ARG A 8 -20.91 1.50 12.09
C ARG A 8 -20.45 0.15 12.63
N ALA A 9 -20.99 -0.28 13.78
CA ALA A 9 -20.51 -1.53 14.37
C ALA A 9 -20.84 -2.71 13.49
N SER A 10 -22.00 -2.67 12.83
CA SER A 10 -22.40 -3.73 11.91
C SER A 10 -21.50 -3.79 10.69
N LEU A 11 -21.08 -2.64 10.18
CA LEU A 11 -20.15 -2.61 9.06
C LEU A 11 -18.82 -3.23 9.45
N ILE A 12 -18.32 -2.92 10.63
CA ILE A 12 -17.08 -3.52 11.11
C ILE A 12 -17.22 -5.03 11.28
N GLN A 13 -18.33 -5.45 11.89
CA GLN A 13 -18.58 -6.88 12.05
C GLN A 13 -18.61 -7.59 10.71
N LYS A 14 -19.32 -7.00 9.74
CA LYS A 14 -19.40 -7.63 8.43
C LYS A 14 -18.09 -7.59 7.67
N ALA A 15 -17.28 -6.57 7.88
CA ALA A 15 -15.94 -6.58 7.30
C ALA A 15 -15.14 -7.78 7.79
N LYS A 16 -15.24 -8.08 9.08
CA LYS A 16 -14.54 -9.24 9.63
C LYS A 16 -15.09 -10.54 9.06
N LEU A 17 -16.40 -10.63 8.88
CA LEU A 17 -16.98 -11.82 8.25
C LEU A 17 -16.55 -11.95 6.80
N ALA A 18 -16.54 -10.83 6.07
CA ALA A 18 -16.10 -10.85 4.70
C ALA A 18 -14.67 -11.33 4.58
N GLU A 19 -13.81 -10.90 5.50
CA GLU A 19 -12.44 -11.38 5.51
C GLU A 19 -12.39 -12.90 5.69
N GLN A 20 -13.14 -13.43 6.66
CA GLN A 20 -13.17 -14.88 6.87
C GLN A 20 -13.62 -15.61 5.62
N ALA A 21 -14.55 -15.03 4.88
CA ALA A 21 -15.09 -15.64 3.67
C ALA A 21 -14.25 -15.31 2.43
N GLU A 22 -13.14 -14.59 2.59
CA GLU A 22 -12.26 -14.19 1.49
C GLU A 22 -13.01 -13.36 0.43
N ARG A 23 -13.91 -12.49 0.91
CA ARG A 23 -14.73 -11.62 0.08
C ARG A 23 -14.18 -10.21 0.26
N TYR A 24 -13.04 -9.94 -0.37
CA TYR A 24 -12.32 -8.70 -0.07
C TYR A 24 -12.97 -7.48 -0.66
N GLU A 25 -13.64 -7.61 -1.81
CA GLU A 25 -14.39 -6.47 -2.33
C GLU A 25 -15.48 -6.06 -1.36
N ASP A 26 -16.22 -7.03 -0.81
CA ASP A 26 -17.22 -6.71 0.19
C ASP A 26 -16.56 -6.09 1.41
N MET A 27 -15.44 -6.67 1.85
CA MET A 27 -14.74 -6.15 3.02
C MET A 27 -14.39 -4.69 2.83
N ALA A 28 -13.88 -4.36 1.66
CA ALA A 28 -13.50 -2.97 1.38
C ALA A 28 -14.71 -2.07 1.36
N ALA A 29 -15.81 -2.52 0.76
CA ALA A 29 -17.03 -1.71 0.76
C ALA A 29 -17.55 -1.46 2.17
N PHE A 30 -17.51 -2.47 3.03
CA PHE A 30 -17.95 -2.29 4.40
C PHE A 30 -17.04 -1.30 5.13
N MET A 31 -15.73 -1.41 4.93
CA MET A 31 -14.81 -0.50 5.60
C MET A 31 -14.91 0.92 5.07
N LYS A 32 -15.13 1.09 3.78
CA LYS A 32 -15.41 2.41 3.23
C LYS A 32 -16.63 3.01 3.91
N GLY A 33 -17.70 2.22 4.06
CA GLY A 33 -18.86 2.70 4.76
C GLY A 33 -18.55 3.09 6.20
N ALA A 34 -17.72 2.28 6.88
CA ALA A 34 -17.34 2.61 8.25
C ALA A 34 -16.57 3.93 8.31
N VAL A 35 -15.60 4.13 7.41
CA VAL A 35 -14.87 5.39 7.39
C VAL A 35 -15.82 6.55 7.17
N GLU A 36 -16.78 6.38 6.28
CA GLU A 36 -17.70 7.47 5.95
C GLU A 36 -18.66 7.82 7.07
N LYS A 37 -18.70 7.04 8.16
CA LYS A 37 -19.43 7.48 9.34
C LYS A 37 -18.81 8.71 9.98
N GLY A 38 -17.55 9.00 9.68
CA GLY A 38 -16.93 10.23 10.11
C GLY A 38 -16.11 10.16 11.37
N GLU A 39 -16.20 9.07 12.12
CA GLU A 39 -15.41 8.89 13.33
C GLU A 39 -14.01 8.38 12.96
N GLU A 40 -13.04 8.71 13.81
CA GLU A 40 -11.70 8.14 13.67
C GLU A 40 -11.76 6.62 13.80
N LEU A 41 -10.73 5.96 13.27
CA LEU A 41 -10.64 4.51 13.30
C LEU A 41 -9.67 4.07 14.37
N SER A 42 -10.03 3.02 15.09
CA SER A 42 -9.11 2.37 16.01
C SER A 42 -8.01 1.66 15.24
N CYS A 43 -7.02 1.17 15.99
CA CYS A 43 -5.95 0.43 15.37
C CYS A 43 -6.46 -0.77 14.60
N GLU A 44 -7.33 -1.57 15.20
CA GLU A 44 -7.86 -2.74 14.52
C GLU A 44 -8.61 -2.33 13.25
N GLU A 45 -9.41 -1.27 13.35
CA GLU A 45 -10.20 -0.81 12.21
C GLU A 45 -9.32 -0.31 11.07
N ARG A 46 -8.23 0.39 11.40
CA ARG A 46 -7.29 0.83 10.36
C ARG A 46 -6.73 -0.36 9.60
N ASN A 47 -6.40 -1.42 10.32
CA ASN A 47 -5.86 -2.61 9.68
C ASN A 47 -6.92 -3.36 8.88
N LEU A 48 -8.17 -3.36 9.31
CA LEU A 48 -9.22 -3.93 8.47
C LEU A 48 -9.33 -3.16 7.16
N LEU A 49 -9.28 -1.83 7.23
CA LEU A 49 -9.35 -1.02 6.02
C LEU A 49 -8.21 -1.34 5.08
N SER A 50 -6.99 -1.38 5.62
CA SER A 50 -5.82 -1.62 4.78
C SER A 50 -5.82 -3.03 4.20
N VAL A 51 -6.15 -4.04 4.99
CA VAL A 51 -6.17 -5.40 4.48
C VAL A 51 -7.14 -5.52 3.32
N ALA A 52 -8.32 -4.94 3.47
CA ALA A 52 -9.35 -5.06 2.46
C ALA A 52 -8.88 -4.48 1.13
N TYR A 53 -8.45 -3.21 1.13
CA TYR A 53 -8.06 -2.58 -0.12
C TYR A 53 -6.75 -3.15 -0.65
N LYS A 54 -5.83 -3.58 0.21
CA LYS A 54 -4.60 -4.18 -0.29
C LYS A 54 -4.91 -5.44 -1.09
N ASN A 55 -5.86 -6.25 -0.62
CA ASN A 55 -6.23 -7.45 -1.34
C ASN A 55 -6.92 -7.11 -2.65
N VAL A 56 -7.84 -6.14 -2.64
CA VAL A 56 -8.51 -5.77 -3.88
C VAL A 56 -7.51 -5.26 -4.90
N VAL A 57 -6.71 -4.26 -4.52
CA VAL A 57 -5.79 -3.66 -5.49
C VAL A 57 -4.69 -4.64 -5.85
N GLY A 58 -4.30 -5.52 -4.94
CA GLY A 58 -3.29 -6.51 -5.27
C GLY A 58 -3.73 -7.43 -6.40
N GLY A 59 -5.00 -7.82 -6.38
CA GLY A 59 -5.52 -8.63 -7.46
C GLY A 59 -5.58 -7.87 -8.76
N GLN A 60 -5.95 -6.60 -8.70
CA GLN A 60 -5.98 -5.78 -9.91
C GLN A 60 -4.58 -5.59 -10.48
N ARG A 61 -3.59 -5.35 -9.61
CA ARG A 61 -2.22 -5.19 -10.06
C ARG A 61 -1.72 -6.46 -10.73
N ALA A 62 -2.01 -7.62 -10.14
CA ALA A 62 -1.56 -8.87 -10.74
C ALA A 62 -2.19 -9.05 -12.13
N ALA A 63 -3.47 -8.73 -12.25
CA ALA A 63 -4.14 -8.86 -13.54
C ALA A 63 -3.57 -7.87 -14.55
N TRP A 64 -3.35 -6.64 -14.11
CA TRP A 64 -2.77 -5.63 -15.00
C TRP A 64 -1.42 -6.07 -15.51
N ARG A 65 -0.61 -6.69 -14.66
CA ARG A 65 0.72 -7.12 -15.10
C ARG A 65 0.61 -8.24 -16.13
N VAL A 66 -0.31 -9.19 -15.94
CA VAL A 66 -0.52 -10.24 -16.93
C VAL A 66 -0.88 -9.63 -18.26
N LEU A 67 -1.84 -8.70 -18.25
CA LEU A 67 -2.34 -8.13 -19.50
C LEU A 67 -1.30 -7.25 -20.15
N SER A 68 -0.55 -6.47 -19.36
CA SER A 68 0.51 -5.64 -19.90
C SER A 68 1.59 -6.48 -20.57
N SER A 69 1.92 -7.62 -19.98
CA SER A 69 2.90 -8.50 -20.60
C SER A 69 2.40 -9.03 -21.94
N ILE A 70 1.14 -9.44 -22.00
CA ILE A 70 0.56 -9.91 -23.25
C ILE A 70 0.59 -8.78 -24.28
N GLU A 71 0.26 -7.56 -23.85
CA GLU A 71 0.24 -6.42 -24.75
C GLU A 71 1.63 -6.11 -25.28
N GLN A 72 2.63 -6.15 -24.40
CA GLN A 72 4.01 -5.92 -24.84
C GLN A 72 4.44 -6.93 -25.89
N LYS A 73 4.09 -8.20 -25.69
CA LYS A 73 4.48 -9.23 -26.64
C LYS A 73 3.76 -9.05 -27.97
N SER A 74 2.49 -8.62 -27.90
CA SER A 74 1.72 -8.38 -29.12
C SER A 74 2.33 -7.27 -29.97
N ASN A 75 3.15 -6.40 -29.39
CA ASN A 75 3.71 -5.26 -30.10
C ASN A 75 5.18 -5.44 -30.47
N GLU A 76 5.76 -6.61 -30.22
CA GLU A 76 7.08 -6.91 -30.74
C GLU A 76 6.98 -7.23 -32.23
N GLU A 77 8.04 -6.88 -32.96
CA GLU A 77 8.05 -7.12 -34.41
C GLU A 77 8.06 -8.62 -34.67
N GLY A 78 7.22 -9.04 -35.63
CA GLY A 78 6.99 -10.45 -35.88
C GLY A 78 5.71 -10.98 -35.27
N SER A 79 5.17 -10.28 -34.28
CA SER A 79 3.91 -10.67 -33.68
C SER A 79 2.76 -10.35 -34.62
N GLU A 80 1.67 -11.09 -34.47
CA GLU A 80 0.51 -10.91 -35.33
C GLU A 80 -0.44 -9.87 -34.75
N GLU A 81 -0.84 -8.91 -35.59
CA GLU A 81 -1.85 -7.94 -35.21
C GLU A 81 -3.12 -8.67 -34.80
N LYS A 82 -3.49 -8.60 -33.53
CA LYS A 82 -4.71 -9.25 -33.04
C LYS A 82 -5.79 -8.23 -32.65
N GLY A 83 -5.65 -6.99 -33.12
CA GLY A 83 -6.68 -5.98 -32.94
C GLY A 83 -6.52 -5.19 -31.66
N PRO A 84 -7.51 -4.35 -31.35
CA PRO A 84 -7.41 -3.47 -30.18
C PRO A 84 -7.77 -4.13 -28.86
N GLU A 85 -8.14 -5.41 -28.86
CA GLU A 85 -8.77 -6.01 -27.69
C GLU A 85 -7.83 -6.08 -26.48
N VAL A 86 -6.58 -6.46 -26.67
CA VAL A 86 -5.66 -6.56 -25.52
C VAL A 86 -5.50 -5.20 -24.86
N ARG A 87 -5.24 -4.16 -25.67
CA ARG A 87 -5.12 -2.81 -25.13
C ARG A 87 -6.40 -2.40 -24.43
N GLU A 88 -7.56 -2.66 -25.06
CA GLU A 88 -8.81 -2.26 -24.45
C GLU A 88 -8.99 -2.91 -23.10
N TYR A 89 -8.73 -4.20 -23.00
CA TYR A 89 -8.99 -4.89 -21.75
C TYR A 89 -7.96 -4.51 -20.69
N ARG A 90 -6.70 -4.35 -21.08
CA ARG A 90 -5.72 -3.80 -20.14
C ARG A 90 -6.16 -2.43 -19.63
N GLU A 91 -6.69 -1.59 -20.52
CA GLU A 91 -7.18 -0.28 -20.12
C GLU A 91 -8.36 -0.40 -19.19
N LYS A 92 -9.26 -1.35 -19.43
CA LYS A 92 -10.39 -1.55 -18.54
C LYS A 92 -9.92 -1.88 -17.12
N VAL A 93 -9.02 -2.84 -17.01
CA VAL A 93 -8.51 -3.22 -15.70
C VAL A 93 -7.76 -2.05 -15.07
N GLU A 94 -6.97 -1.34 -15.87
CA GLU A 94 -6.22 -0.18 -15.39
C GLU A 94 -7.15 0.89 -14.82
N THR A 95 -8.25 1.17 -15.51
CA THR A 95 -9.19 2.19 -15.06
C THR A 95 -9.86 1.77 -13.76
N GLU A 96 -10.19 0.51 -13.64
CA GLU A 96 -10.77 0.02 -12.39
C GLU A 96 -9.78 0.13 -11.25
N LEU A 97 -8.52 -0.25 -11.50
CA LEU A 97 -7.45 -0.10 -10.50
C LEU A 97 -7.30 1.35 -10.07
N GLN A 98 -7.25 2.26 -11.04
CA GLN A 98 -7.13 3.67 -10.71
C GLN A 98 -8.33 4.13 -9.88
N GLY A 99 -9.51 3.62 -10.20
CA GLY A 99 -10.69 3.98 -9.42
C GLY A 99 -10.59 3.56 -7.98
N VAL A 100 -10.09 2.35 -7.73
CA VAL A 100 -9.89 1.90 -6.35
C VAL A 100 -8.86 2.77 -5.65
N CYS A 101 -7.74 3.07 -6.31
CA CYS A 101 -6.73 3.91 -5.68
C CYS A 101 -7.30 5.28 -5.37
N ASP A 102 -8.04 5.86 -6.31
CA ASP A 102 -8.65 7.16 -6.06
C ASP A 102 -9.63 7.10 -4.89
N THR A 103 -10.36 6.00 -4.77
CA THR A 103 -11.28 5.86 -3.64
C THR A 103 -10.52 5.86 -2.32
N VAL A 104 -9.44 5.07 -2.24
CA VAL A 104 -8.68 5.00 -1.00
C VAL A 104 -8.07 6.36 -0.68
N LEU A 105 -7.46 7.00 -1.68
CA LEU A 105 -6.87 8.30 -1.47
C LEU A 105 -7.93 9.31 -1.04
N GLY A 106 -9.14 9.16 -1.58
CA GLY A 106 -10.23 10.05 -1.17
C GLY A 106 -10.61 9.88 0.28
N LEU A 107 -10.64 8.63 0.76
CA LEU A 107 -10.93 8.40 2.17
C LEU A 107 -9.84 9.00 3.04
N LEU A 108 -8.58 8.86 2.62
CA LEU A 108 -7.48 9.42 3.39
C LEU A 108 -7.58 10.94 3.45
N ASP A 109 -7.95 11.56 2.33
CA ASP A 109 -8.06 13.00 2.28
C ASP A 109 -9.35 13.54 2.87
N SER A 110 -10.35 12.71 3.05
CA SER A 110 -11.67 13.15 3.54
C SER A 110 -12.23 12.11 4.51
N HIS A 111 -11.75 12.10 5.75
CA HIS A 111 -10.84 13.08 6.34
C HIS A 111 -9.89 12.39 7.31
N LEU A 112 -9.43 11.18 6.97
CA LEU A 112 -8.68 10.37 7.92
C LEU A 112 -7.38 11.04 8.32
N ILE A 113 -6.59 11.51 7.35
CA ILE A 113 -5.27 12.05 7.68
C ILE A 113 -5.40 13.30 8.53
N LYS A 114 -6.30 14.21 8.18
CA LYS A 114 -6.32 15.48 8.91
C LYS A 114 -6.72 15.31 10.36
N GLU A 115 -7.47 14.28 10.70
CA GLU A 115 -7.84 14.04 12.09
C GLU A 115 -6.86 13.13 12.82
N ALA A 116 -5.85 12.60 12.15
CA ALA A 116 -4.92 11.64 12.75
C ALA A 116 -3.77 12.40 13.39
N GLY A 117 -3.73 12.39 14.72
CA GLY A 117 -2.69 13.10 15.46
C GLY A 117 -1.64 12.19 16.09
N ASP A 118 -2.03 11.00 16.49
CA ASP A 118 -1.06 10.10 17.10
C ASP A 118 -0.17 9.52 16.02
N ALA A 119 1.09 9.23 16.37
CA ALA A 119 2.01 8.73 15.36
C ALA A 119 1.51 7.43 14.74
N GLU A 120 0.91 6.56 15.54
CA GLU A 120 0.55 5.26 15.01
C GLU A 120 -0.56 5.39 13.96
N SER A 121 -1.46 6.35 14.12
CA SER A 121 -2.48 6.53 13.10
C SER A 121 -1.94 7.35 11.92
N ARG A 122 -1.26 8.44 12.21
CA ARG A 122 -0.83 9.34 11.14
C ARG A 122 0.18 8.68 10.24
N VAL A 123 1.17 8.00 10.80
CA VAL A 123 2.16 7.29 9.98
C VAL A 123 1.48 6.21 9.14
N PHE A 124 0.55 5.47 9.75
CA PHE A 124 -0.19 4.43 9.03
C PHE A 124 -0.90 5.00 7.81
N TYR A 125 -1.62 6.11 7.98
CA TYR A 125 -2.38 6.66 6.86
C TYR A 125 -1.47 7.29 5.81
N LEU A 126 -0.38 7.94 6.23
CA LEU A 126 0.53 8.51 5.26
C LEU A 126 1.26 7.42 4.48
N LYS A 127 1.58 6.31 5.12
CA LYS A 127 2.10 5.14 4.40
C LYS A 127 1.09 4.67 3.36
N MET A 128 -0.17 4.55 3.75
CA MET A 128 -1.20 4.18 2.78
C MET A 128 -1.25 5.15 1.62
N LYS A 129 -1.18 6.44 1.91
CA LYS A 129 -1.21 7.43 0.83
C LYS A 129 -0.04 7.22 -0.12
N GLY A 130 1.16 6.98 0.42
CA GLY A 130 2.29 6.67 -0.45
C GLY A 130 2.08 5.41 -1.26
N ASP A 131 1.54 4.37 -0.62
CA ASP A 131 1.32 3.11 -1.32
C ASP A 131 0.35 3.26 -2.48
N TYR A 132 -0.77 3.97 -2.27
CA TYR A 132 -1.77 4.07 -3.33
C TYR A 132 -1.34 5.01 -4.44
N TYR A 133 -0.57 6.06 -4.13
CA TYR A 133 0.07 6.82 -5.20
C TYR A 133 1.11 5.98 -5.94
N ARG A 134 1.83 5.09 -5.23
CA ARG A 134 2.75 4.18 -5.89
C ARG A 134 2.02 3.26 -6.86
N TYR A 135 0.86 2.73 -6.47
CA TYR A 135 0.11 1.88 -7.40
C TYR A 135 -0.37 2.69 -8.60
N LEU A 136 -0.78 3.93 -8.40
CA LEU A 136 -1.08 4.77 -9.55
C LEU A 136 0.16 4.99 -10.42
N ALA A 137 1.33 5.15 -9.81
CA ALA A 137 2.56 5.38 -10.58
C ALA A 137 2.91 4.15 -11.40
N GLU A 138 2.61 2.96 -10.91
CA GLU A 138 2.96 1.75 -11.63
C GLU A 138 2.31 1.71 -13.02
N VAL A 139 1.14 2.32 -13.18
CA VAL A 139 0.40 2.29 -14.44
C VAL A 139 0.42 3.62 -15.16
N ALA A 140 1.05 4.64 -14.59
CA ALA A 140 1.02 5.97 -15.17
C ALA A 140 1.97 6.10 -16.35
N THR A 141 1.51 6.87 -17.37
CA THR A 141 2.32 7.14 -18.56
C THR A 141 2.20 8.55 -19.11
N GLY A 142 1.36 9.42 -18.55
CA GLY A 142 1.00 10.68 -19.17
C GLY A 142 1.68 11.91 -18.57
N ASP A 143 1.10 13.09 -18.88
CA ASP A 143 1.67 14.36 -18.44
C ASP A 143 1.90 14.39 -16.94
N ASP A 144 1.10 13.64 -16.18
CA ASP A 144 1.07 13.73 -14.73
C ASP A 144 1.90 12.69 -14.02
N LYS A 145 2.63 11.85 -14.75
CA LYS A 145 3.36 10.73 -14.14
C LYS A 145 4.36 11.22 -13.09
N LYS A 146 5.12 12.27 -13.42
CA LYS A 146 6.11 12.76 -12.47
C LYS A 146 5.43 13.30 -11.22
N ARG A 147 4.28 13.96 -11.38
CA ARG A 147 3.58 14.48 -10.21
C ARG A 147 3.02 13.33 -9.38
N ILE A 148 2.58 12.23 -10.01
CA ILE A 148 2.09 11.08 -9.25
C ILE A 148 3.22 10.47 -8.42
N ILE A 149 4.38 10.30 -9.04
CA ILE A 149 5.55 9.79 -8.33
C ILE A 149 5.91 10.71 -7.18
N ASP A 150 5.86 12.02 -7.41
CA ASP A 150 6.24 12.93 -6.35
C ASP A 150 5.22 12.94 -5.21
N SER A 151 3.95 12.71 -5.52
CA SER A 151 2.95 12.59 -4.48
C SER A 151 3.21 11.39 -3.60
N ALA A 152 3.59 10.26 -4.19
CA ALA A 152 3.96 9.10 -3.40
C ALA A 152 5.15 9.41 -2.51
N ARG A 153 6.20 9.98 -3.11
CA ARG A 153 7.42 10.31 -2.38
C ARG A 153 7.12 11.22 -1.21
N SER A 154 6.31 12.26 -1.44
CA SER A 154 6.02 13.23 -0.40
C SER A 154 5.29 12.60 0.78
N ALA A 155 4.31 11.74 0.49
CA ALA A 155 3.58 11.09 1.57
C ALA A 155 4.48 10.16 2.36
N TYR A 156 5.27 9.34 1.65
CA TYR A 156 6.22 8.47 2.33
C TYR A 156 7.20 9.27 3.17
N GLN A 157 7.67 10.40 2.64
CA GLN A 157 8.68 11.18 3.37
C GLN A 157 8.08 11.77 4.65
N GLU A 158 6.87 12.30 4.60
CA GLU A 158 6.26 12.81 5.82
C GLU A 158 6.08 11.70 6.84
N ALA A 159 5.64 10.53 6.38
CA ALA A 159 5.51 9.38 7.28
C ALA A 159 6.84 9.00 7.89
N MET A 160 7.90 9.01 7.09
CA MET A 160 9.23 8.66 7.57
C MET A 160 9.68 9.63 8.63
N ASP A 161 9.49 10.92 8.37
CA ASP A 161 9.96 11.92 9.32
C ASP A 161 9.26 11.76 10.66
N ILE A 162 7.93 11.54 10.66
CA ILE A 162 7.22 11.33 11.91
C ILE A 162 7.69 10.05 12.57
N SER A 163 7.83 8.97 11.80
CA SER A 163 8.17 7.68 12.39
C SER A 163 9.53 7.72 13.07
N LYS A 164 10.49 8.44 12.50
CA LYS A 164 11.82 8.48 13.08
C LYS A 164 11.82 9.32 14.36
N LYS A 165 10.94 10.31 14.45
CA LYS A 165 10.87 11.14 15.65
C LYS A 165 10.05 10.50 16.76
N GLU A 166 9.01 9.74 16.41
CA GLU A 166 7.99 9.35 17.38
C GLU A 166 7.87 7.86 17.66
N MET A 167 8.54 7.00 16.90
CA MET A 167 8.43 5.57 17.08
C MET A 167 9.79 4.95 17.29
N PRO A 168 9.89 3.86 18.05
CA PRO A 168 11.15 3.14 18.14
C PRO A 168 11.47 2.46 16.81
N PRO A 169 12.74 2.14 16.58
CA PRO A 169 13.13 1.58 15.28
C PRO A 169 12.55 0.22 15.01
N THR A 170 12.01 -0.48 16.01
CA THR A 170 11.38 -1.78 15.81
C THR A 170 9.87 -1.70 15.60
N ASN A 171 9.27 -0.51 15.69
CA ASN A 171 7.83 -0.43 15.55
C ASN A 171 7.42 -1.01 14.20
N PRO A 172 6.50 -1.98 14.16
CA PRO A 172 6.21 -2.62 12.87
C PRO A 172 5.67 -1.68 11.81
N ILE A 173 4.95 -0.62 12.19
CA ILE A 173 4.49 0.34 11.19
C ILE A 173 5.68 1.08 10.60
N ARG A 174 6.61 1.51 11.45
CA ARG A 174 7.83 2.15 10.96
C ARG A 174 8.59 1.23 10.03
N LEU A 175 8.69 -0.05 10.40
CA LEU A 175 9.40 -1.01 9.56
C LEU A 175 8.70 -1.23 8.23
N GLY A 176 7.39 -1.38 8.25
CA GLY A 176 6.67 -1.61 7.00
C GLY A 176 6.67 -0.40 6.10
N LEU A 177 6.59 0.78 6.69
CA LEU A 177 6.76 2.01 5.91
C LEU A 177 8.12 2.03 5.21
N ALA A 178 9.19 1.73 5.94
CA ALA A 178 10.52 1.72 5.36
C ALA A 178 10.63 0.68 4.27
N LEU A 179 10.10 -0.52 4.52
CA LEU A 179 10.08 -1.57 3.51
C LEU A 179 9.48 -1.06 2.21
N ASN A 180 8.30 -0.44 2.31
CA ASN A 180 7.57 -0.03 1.11
C ASN A 180 8.22 1.18 0.46
N PHE A 181 8.71 2.14 1.24
CA PHE A 181 9.38 3.30 0.66
C PHE A 181 10.65 2.85 -0.06
N SER A 182 11.35 1.85 0.49
CA SER A 182 12.50 1.28 -0.19
C SER A 182 12.11 0.66 -1.51
N VAL A 183 11.00 -0.08 -1.55
CA VAL A 183 10.49 -0.61 -2.83
C VAL A 183 10.13 0.54 -3.79
N PHE A 184 9.49 1.59 -3.31
CA PHE A 184 9.26 2.78 -4.12
C PHE A 184 10.55 3.26 -4.77
N HIS A 185 11.62 3.38 -3.97
CA HIS A 185 12.88 3.86 -4.54
C HIS A 185 13.35 2.92 -5.64
N TYR A 186 13.28 1.61 -5.40
CA TYR A 186 13.84 0.65 -6.34
C TYR A 186 13.02 0.56 -7.61
N GLU A 187 11.70 0.46 -7.48
CA GLU A 187 10.81 0.12 -8.60
C GLU A 187 10.21 1.32 -9.28
N ILE A 188 10.05 2.44 -8.61
CA ILE A 188 9.35 3.60 -9.14
C ILE A 188 10.31 4.73 -9.43
N ALA A 189 11.20 5.04 -8.50
CA ALA A 189 12.03 6.23 -8.60
C ALA A 189 13.38 5.94 -9.23
N ASN A 190 13.61 4.75 -9.72
CA ASN A 190 14.88 4.42 -10.37
C ASN A 190 16.07 4.75 -9.48
N SER A 191 15.94 4.43 -8.19
CA SER A 191 16.94 4.75 -7.18
C SER A 191 17.30 3.51 -6.39
N PRO A 192 17.89 2.49 -7.04
CA PRO A 192 18.19 1.25 -6.32
C PRO A 192 19.15 1.46 -5.17
N GLU A 193 20.12 2.36 -5.29
CA GLU A 193 21.04 2.57 -4.18
C GLU A 193 20.31 3.11 -2.96
N GLU A 194 19.41 4.06 -3.15
CA GLU A 194 18.62 4.56 -2.03
C GLU A 194 17.77 3.45 -1.43
N ALA A 195 17.20 2.60 -2.27
CA ALA A 195 16.38 1.49 -1.80
C ALA A 195 17.19 0.57 -0.89
N ILE A 196 18.40 0.23 -1.33
CA ILE A 196 19.26 -0.68 -0.59
C ILE A 196 19.73 -0.03 0.69
N SER A 197 20.15 1.24 0.63
CA SER A 197 20.61 1.91 1.83
C SER A 197 19.50 1.98 2.87
N LEU A 198 18.28 2.35 2.44
CA LEU A 198 17.18 2.45 3.38
C LEU A 198 16.86 1.10 4.01
N ALA A 199 16.79 0.05 3.21
CA ALA A 199 16.49 -1.26 3.78
C ALA A 199 17.55 -1.70 4.77
N LYS A 200 18.83 -1.48 4.44
CA LYS A 200 19.91 -1.91 5.32
C LYS A 200 19.92 -1.13 6.63
N THR A 201 19.85 0.19 6.55
CA THR A 201 19.87 0.99 7.76
C THR A 201 18.66 0.69 8.64
N THR A 202 17.49 0.52 8.02
CA THR A 202 16.30 0.16 8.79
C THR A 202 16.50 -1.16 9.52
N PHE A 203 17.00 -2.16 8.80
CA PHE A 203 17.22 -3.47 9.39
C PHE A 203 18.19 -3.38 10.57
N ASP A 204 19.31 -2.69 10.37
CA ASP A 204 20.35 -2.67 11.40
C ASP A 204 19.88 -1.89 12.63
N GLU A 205 19.14 -0.81 12.44
CA GLU A 205 18.66 -0.06 13.58
C GLU A 205 17.59 -0.83 14.34
N ALA A 206 16.78 -1.62 13.64
CA ALA A 206 15.82 -2.47 14.31
C ALA A 206 16.51 -3.56 15.10
N MET A 207 17.50 -4.21 14.49
CA MET A 207 18.26 -5.25 15.18
C MET A 207 18.74 -4.77 16.54
N ALA A 208 19.27 -3.56 16.59
CA ALA A 208 19.85 -3.04 17.80
C ALA A 208 18.82 -2.71 18.88
N ASP A 209 17.54 -2.64 18.54
CA ASP A 209 16.47 -2.32 19.47
C ASP A 209 15.65 -3.54 19.87
N LEU A 210 15.93 -4.70 19.27
CA LEU A 210 15.14 -5.89 19.61
C LEU A 210 15.26 -6.25 21.08
N HIS A 211 16.38 -5.92 21.72
CA HIS A 211 16.61 -6.32 23.11
C HIS A 211 15.60 -5.70 24.06
N THR A 212 14.90 -4.66 23.63
CA THR A 212 13.93 -3.98 24.50
C THR A 212 12.56 -4.63 24.48
N LEU A 213 12.34 -5.63 23.65
CA LEU A 213 11.00 -6.09 23.32
C LEU A 213 10.62 -7.36 24.04
N SER A 214 9.31 -7.50 24.27
CA SER A 214 8.73 -8.75 24.71
C SER A 214 8.83 -9.77 23.58
N GLU A 215 8.53 -11.03 23.92
CA GLU A 215 8.54 -12.09 22.92
C GLU A 215 7.56 -11.81 21.80
N ASP A 216 6.36 -11.33 22.14
CA ASP A 216 5.36 -11.10 21.09
C ASP A 216 5.76 -9.94 20.19
N SER A 217 6.24 -8.84 20.79
CA SER A 217 6.70 -7.72 19.97
C SER A 217 7.88 -8.12 19.10
N TYR A 218 8.79 -8.92 19.66
CA TYR A 218 9.94 -9.41 18.90
C TYR A 218 9.48 -10.18 17.67
N LYS A 219 8.46 -11.01 17.83
CA LYS A 219 7.95 -11.76 16.68
C LYS A 219 7.44 -10.82 15.60
N ASP A 220 6.70 -9.80 16.00
CA ASP A 220 6.14 -8.87 15.03
C ASP A 220 7.24 -8.13 14.29
N SER A 221 8.24 -7.64 15.03
CA SER A 221 9.28 -6.85 14.39
C SER A 221 10.16 -7.70 13.50
N THR A 222 10.55 -8.89 13.97
CA THR A 222 11.44 -9.72 13.18
C THR A 222 10.77 -10.19 11.90
N LEU A 223 9.45 -10.34 11.91
CA LEU A 223 8.76 -10.72 10.69
C LEU A 223 9.01 -9.69 9.59
N ILE A 224 8.88 -8.41 9.91
CA ILE A 224 9.08 -7.38 8.90
C ILE A 224 10.56 -7.21 8.59
N MET A 225 11.43 -7.37 9.59
CA MET A 225 12.84 -7.38 9.32
C MET A 225 13.23 -8.43 8.30
N GLN A 226 12.61 -9.60 8.35
CA GLN A 226 12.95 -10.63 7.38
C GLN A 226 12.55 -10.23 5.96
N LEU A 227 11.46 -9.47 5.81
CA LEU A 227 11.09 -8.95 4.50
C LEU A 227 12.12 -7.98 3.98
N LEU A 228 12.65 -7.11 4.86
CA LEU A 228 13.72 -6.22 4.45
C LEU A 228 14.93 -7.01 3.97
N ARG A 229 15.29 -8.06 4.72
CA ARG A 229 16.41 -8.91 4.33
C ARG A 229 16.13 -9.61 3.01
N ASP A 230 14.89 -10.08 2.82
CA ASP A 230 14.53 -10.74 1.57
C ASP A 230 14.74 -9.81 0.39
N ASN A 231 14.31 -8.56 0.52
CA ASN A 231 14.50 -7.60 -0.56
C ASN A 231 15.98 -7.32 -0.78
N LEU A 232 16.74 -7.14 0.29
CA LEU A 232 18.18 -6.93 0.14
C LEU A 232 18.83 -8.09 -0.59
N THR A 233 18.42 -9.31 -0.30
CA THR A 233 18.99 -10.47 -0.99
C THR A 233 18.62 -10.44 -2.46
N LEU A 234 17.40 -10.04 -2.77
CA LEU A 234 16.97 -9.95 -4.16
C LEU A 234 17.78 -8.91 -4.92
N TRP A 235 18.22 -7.85 -4.25
CA TRP A 235 18.78 -6.67 -4.91
C TRP A 235 20.29 -6.63 -4.90
N THR A 236 20.95 -7.55 -4.21
CA THR A 236 22.40 -7.51 -4.06
C THR A 236 23.02 -8.87 -4.38
N PHE B 1 8.60 -10.12 -7.77
CA PHE B 1 8.50 -8.77 -7.23
C PHE B 1 9.02 -8.72 -5.79
N PRO B 2 9.42 -7.55 -5.33
CA PRO B 2 9.90 -7.41 -3.95
C PRO B 2 8.74 -7.36 -2.96
N ALA B 3 9.08 -7.60 -1.70
CA ALA B 3 8.08 -7.64 -0.65
C ALA B 3 7.64 -6.26 -0.20
N TPO B 4 6.34 -6.09 -0.04
CA TPO B 4 5.73 -4.90 0.57
CB TPO B 4 5.13 -3.93 -0.49
CG2 TPO B 4 6.24 -3.33 -1.33
OG1 TPO B 4 4.21 -4.72 -1.25
P TPO B 4 3.21 -4.00 -2.31
O1P TPO B 4 2.13 -5.10 -2.61
O2P TPO B 4 3.96 -3.62 -3.52
O3P TPO B 4 2.61 -2.74 -1.62
C TPO B 4 4.64 -5.38 1.53
O TPO B 4 4.15 -6.52 1.39
HA TPO B 4 6.41 -4.39 1.04
HB TPO B 4 4.62 -3.08 -0.03
HG21 TPO B 4 6.75 -4.11 -1.88
HG22 TPO B 4 6.95 -2.82 -0.68
HG23 TPO B 4 5.81 -2.61 -2.03
N VAL B 5 4.27 -4.56 2.49
CA VAL B 5 3.24 -4.90 3.44
C VAL B 5 2.20 -3.83 3.57
MG MG C . 18.83 8.46 5.02
MG MG D . -25.27 4.49 14.89
MG MG E . -5.25 4.48 -19.05
C12 U0L F . -6.38 -7.63 11.40
C13 U0L F . -7.17 -8.50 10.35
C16 U0L F . -4.98 -7.40 11.28
C18 U0L F . -1.56 -4.66 13.69
C19 U0L F . -0.58 -5.16 12.88
C24 U0L F . 3.25 -2.93 9.06
C25 U0L F . 2.12 -2.40 8.48
C27 U0L F . 1.07 -3.22 8.13
C01 U0L F . 1.95 -8.82 9.59
C02 U0L F . 1.43 -7.50 9.00
C03 U0L F . 1.24 -7.65 7.43
C04 U0L F . 0.10 -7.09 9.72
C06 U0L F . -0.87 -6.12 11.93
C07 U0L F . -2.16 -6.57 11.77
C08 U0L F . -3.12 -6.09 12.61
C09 U0L F . -4.54 -6.55 12.43
C10 U0L F . -5.66 -6.20 13.29
C17 U0L F . -2.84 -5.12 13.56
C22 U0L F . 2.28 -5.10 8.97
C23 U0L F . 3.31 -4.27 9.31
C29 U0L F . 1.14 -4.56 8.37
F28 U0L F . -0.03 -2.68 7.54
N05 U0L F . 0.26 -6.59 11.09
N14 U0L F . -8.53 -8.82 10.61
N15 U0L F . -6.52 -8.90 9.32
O20 U0L F . -0.93 -7.17 9.21
O21 U0L F . 2.45 -6.50 9.27
S11 U0L F . -7.00 -6.86 12.68
CL26 U0L F . 2.07 -0.67 8.20
H161 U0L F . -4.43 -7.73 10.60
H181 U0L F . -1.37 -4.03 14.35
H191 U0L F . 0.30 -4.85 12.96
H241 U0L F . 3.96 -2.38 9.29
H013 U0L F . 2.26 -8.67 10.49
H011 U0L F . 2.70 -9.15 9.05
H012 U0L F . 1.24 -9.48 9.59
H033 U0L F . 0.29 -7.63 7.23
H032 U0L F . 1.60 -8.49 7.15
H031 U0L F . 1.69 -6.92 6.98
H071 U0L F . -2.37 -7.20 11.12
H101 U0L F . -5.61 -5.68 14.06
H171 U0L F . -3.53 -4.78 14.09
H231 U0L F . 4.06 -4.62 9.72
H291 U0L F . 0.43 -5.12 8.13
H051 U0L F . 1.05 -6.57 11.43
H142 U0L F . -8.92 -8.53 11.32
H151 U0L F . -6.91 -9.39 8.71
#